data_6BKV
#
_entry.id   6BKV
#
_cell.length_a   93.160
_cell.length_b   93.160
_cell.length_c   78.050
_cell.angle_alpha   90.000
_cell.angle_beta   90.000
_cell.angle_gamma   120.000
#
_symmetry.space_group_name_H-M   'P 32 2 1'
#
loop_
_entity.id
_entity.type
_entity.pdbx_description
1 polymer Thioredoxin
2 water water
#
_entity_poly.entity_id   1
_entity_poly.type   'polypeptide(L)'
_entity_poly.pdbx_seq_one_letter_code
;MAHHHHHHMSHYIELTEENFESTIKKGVALVDFWAPWCGPCKMLSPVIDELASEYQGKAKICKVNTDEQEELSAKFGIRS
IPTLLFTKDGEVVHQLVGVQTKVALKEQLNKLLG
;
_entity_poly.pdbx_strand_id   A,B
#
# COMPACT_ATOMS: atom_id res chain seq x y z
N HIS A 6 2.19 9.78 -16.37
CA HIS A 6 0.98 9.21 -15.75
C HIS A 6 1.12 7.74 -15.37
N HIS A 7 1.66 7.49 -14.18
CA HIS A 7 1.86 6.14 -13.66
C HIS A 7 0.53 5.41 -13.49
N HIS A 8 0.62 4.11 -13.21
CA HIS A 8 -0.55 3.36 -12.79
C HIS A 8 -0.88 3.72 -11.34
N MET A 9 -2.16 3.78 -11.04
CA MET A 9 -2.65 4.08 -9.70
C MET A 9 -3.01 2.79 -8.97
N SER A 10 -2.69 2.73 -7.68
CA SER A 10 -2.95 1.55 -6.87
C SER A 10 -3.92 1.91 -5.75
N HIS A 11 -5.20 1.52 -5.93
CA HIS A 11 -6.18 1.69 -4.86
C HIS A 11 -6.12 0.56 -3.85
N TYR A 12 -5.50 -0.55 -4.22
CA TYR A 12 -5.43 -1.72 -3.37
C TYR A 12 -4.28 -1.59 -2.36
N ILE A 13 -4.29 -2.46 -1.37
CA ILE A 13 -3.24 -2.54 -0.37
C ILE A 13 -2.36 -3.74 -0.71
N GLU A 14 -1.09 -3.50 -0.97
CA GLU A 14 -0.16 -4.59 -1.16
C GLU A 14 0.13 -5.21 0.21
N LEU A 15 -0.10 -6.51 0.34
CA LEU A 15 0.15 -7.21 1.59
C LEU A 15 1.46 -7.96 1.52
N THR A 16 2.17 -7.99 2.64
CA THR A 16 3.46 -8.65 2.75
C THR A 16 3.44 -9.43 4.04
N GLU A 17 4.49 -10.22 4.26
CA GLU A 17 4.61 -10.94 5.53
C GLU A 17 4.61 -9.98 6.70
N GLU A 18 5.23 -8.80 6.53
CA GLU A 18 5.36 -7.85 7.63
C GLU A 18 4.02 -7.20 7.97
N ASN A 19 3.28 -6.74 6.95
CA ASN A 19 2.10 -5.94 7.23
C ASN A 19 0.79 -6.74 7.23
N PHE A 20 0.85 -8.05 6.95
CA PHE A 20 -0.38 -8.80 6.73
C PHE A 20 -1.29 -8.78 7.96
N GLU A 21 -0.78 -9.27 9.09
CA GLU A 21 -1.61 -9.42 10.28
C GLU A 21 -2.22 -8.09 10.71
N SER A 22 -1.40 -7.04 10.81
CA SER A 22 -1.95 -5.77 11.29
C SER A 22 -2.93 -5.15 10.29
N THR A 23 -2.75 -5.41 8.98
CA THR A 23 -3.65 -4.83 7.99
C THR A 23 -5.06 -5.40 8.08
N ILE A 24 -5.20 -6.71 8.28
CA ILE A 24 -6.53 -7.33 8.31
C ILE A 24 -7.03 -7.59 9.73
N LYS A 25 -6.34 -7.06 10.75
CA LYS A 25 -6.73 -7.34 12.13
C LYS A 25 -8.16 -6.86 12.42
N LYS A 26 -8.55 -5.74 11.83
CA LYS A 26 -9.85 -5.16 12.09
C LYS A 26 -10.58 -4.93 10.76
N GLY A 27 -11.88 -5.13 10.76
CA GLY A 27 -12.69 -4.82 9.61
C GLY A 27 -12.84 -5.97 8.62
N VAL A 28 -13.36 -5.60 7.46
CA VAL A 28 -13.60 -6.52 6.36
C VAL A 28 -12.50 -6.35 5.33
N ALA A 29 -11.90 -7.45 4.90
CA ALA A 29 -10.87 -7.42 3.87
C ALA A 29 -11.15 -8.46 2.81
N LEU A 30 -10.81 -8.12 1.56
CA LEU A 30 -10.76 -9.06 0.46
C LEU A 30 -9.32 -9.11 -0.02
N VAL A 31 -8.75 -10.31 -0.08
CA VAL A 31 -7.35 -10.50 -0.41
C VAL A 31 -7.26 -11.34 -1.68
N ASP A 32 -6.64 -10.77 -2.72
CA ASP A 32 -6.49 -11.41 -4.03
C ASP A 32 -5.06 -11.92 -4.18
N PHE A 33 -4.90 -13.23 -4.17
CA PHE A 33 -3.59 -13.84 -4.42
C PHE A 33 -3.39 -13.98 -5.93
N TRP A 34 -2.32 -13.37 -6.46
CA TRP A 34 -2.09 -13.25 -7.89
C TRP A 34 -0.61 -13.39 -8.19
N ALA A 35 -0.27 -13.35 -9.47
CA ALA A 35 1.12 -13.36 -9.93
C ALA A 35 1.16 -12.72 -11.31
N PRO A 36 2.26 -12.05 -11.66
CA PRO A 36 2.28 -11.28 -12.91
C PRO A 36 2.25 -12.12 -14.18
N TRP A 37 2.48 -13.43 -14.09
CA TRP A 37 2.50 -14.31 -15.25
C TRP A 37 1.17 -15.03 -15.48
N CYS A 38 0.16 -14.72 -14.69
CA CYS A 38 -1.07 -15.52 -14.62
C CYS A 38 -2.18 -14.83 -15.41
N GLY A 39 -2.62 -15.48 -16.49
CA GLY A 39 -3.63 -14.94 -17.36
C GLY A 39 -4.93 -14.60 -16.66
N PRO A 40 -5.54 -15.58 -15.98
CA PRO A 40 -6.77 -15.28 -15.24
C PRO A 40 -6.58 -14.24 -14.16
N CYS A 41 -5.39 -14.16 -13.55
CA CYS A 41 -5.14 -13.10 -12.57
C CYS A 41 -5.21 -11.74 -13.22
N LYS A 42 -4.60 -11.58 -14.41
CA LYS A 42 -4.68 -10.31 -15.10
C LYS A 42 -6.10 -10.01 -15.56
N MET A 43 -6.91 -11.04 -15.80
CA MET A 43 -8.32 -10.84 -16.13
C MET A 43 -9.12 -10.36 -14.93
N LEU A 44 -8.72 -10.77 -13.73
CA LEU A 44 -9.41 -10.37 -12.51
C LEU A 44 -8.93 -9.02 -11.97
N SER A 45 -7.72 -8.61 -12.31
CA SER A 45 -7.11 -7.40 -11.76
C SER A 45 -7.97 -6.15 -11.85
N PRO A 46 -8.58 -5.80 -12.99
CA PRO A 46 -9.35 -4.55 -13.02
C PRO A 46 -10.54 -4.54 -12.08
N VAL A 47 -11.15 -5.71 -11.84
CA VAL A 47 -12.25 -5.80 -10.88
C VAL A 47 -11.76 -5.50 -9.46
N ILE A 48 -10.55 -5.95 -9.14
CA ILE A 48 -10.00 -5.64 -7.82
C ILE A 48 -9.68 -4.15 -7.70
N ASP A 49 -9.18 -3.53 -8.77
CA ASP A 49 -8.98 -2.08 -8.75
C ASP A 49 -10.29 -1.35 -8.50
N GLU A 50 -11.34 -1.72 -9.24
CA GLU A 50 -12.62 -1.03 -9.09
C GLU A 50 -13.19 -1.22 -7.69
N LEU A 51 -13.11 -2.44 -7.15
CA LEU A 51 -13.59 -2.67 -5.80
C LEU A 51 -12.78 -1.88 -4.77
N ALA A 52 -11.46 -1.84 -4.92
CA ALA A 52 -10.64 -1.07 -3.99
C ALA A 52 -11.05 0.39 -3.98
N SER A 53 -11.32 0.96 -5.14
CA SER A 53 -11.77 2.34 -5.20
C SER A 53 -13.17 2.49 -4.64
N GLU A 54 -14.11 1.61 -5.04
CA GLU A 54 -15.49 1.75 -4.60
C GLU A 54 -15.63 1.54 -3.10
N TYR A 55 -14.82 0.68 -2.50
CA TYR A 55 -14.93 0.37 -1.08
C TYR A 55 -13.87 1.09 -0.25
N GLN A 56 -13.23 2.11 -0.80
CA GLN A 56 -12.25 2.88 -0.06
C GLN A 56 -12.90 3.45 1.20
N GLY A 57 -12.28 3.17 2.35
CA GLY A 57 -12.79 3.61 3.63
C GLY A 57 -13.83 2.71 4.25
N LYS A 58 -14.40 1.78 3.49
CA LYS A 58 -15.37 0.83 4.01
C LYS A 58 -14.80 -0.58 4.14
N ALA A 59 -13.92 -1.00 3.24
CA ALA A 59 -13.31 -2.31 3.34
C ALA A 59 -11.91 -2.25 2.75
N LYS A 60 -11.07 -3.19 3.20
CA LYS A 60 -9.68 -3.26 2.79
C LYS A 60 -9.55 -4.26 1.65
N ILE A 61 -9.24 -3.75 0.47
CA ILE A 61 -9.08 -4.55 -0.74
C ILE A 61 -7.58 -4.70 -0.99
N CYS A 62 -7.10 -5.93 -0.91
CA CYS A 62 -5.68 -6.19 -0.84
C CYS A 62 -5.24 -7.22 -1.88
N LYS A 63 -3.94 -7.23 -2.16
CA LYS A 63 -3.34 -8.13 -3.11
C LYS A 63 -2.09 -8.75 -2.52
N VAL A 64 -1.89 -10.04 -2.78
CA VAL A 64 -0.68 -10.76 -2.39
C VAL A 64 -0.07 -11.33 -3.66
N ASN A 65 1.12 -10.85 -4.01
CA ASN A 65 1.86 -11.36 -5.16
C ASN A 65 2.56 -12.65 -4.75
N THR A 66 2.09 -13.79 -5.29
CA THR A 66 2.63 -15.06 -4.81
C THR A 66 4.09 -15.26 -5.22
N ASP A 67 4.58 -14.55 -6.24
CA ASP A 67 6.01 -14.64 -6.55
C ASP A 67 6.84 -14.05 -5.42
N GLU A 68 6.35 -12.98 -4.80
CA GLU A 68 7.09 -12.21 -3.81
C GLU A 68 6.71 -12.58 -2.38
N GLN A 69 5.60 -13.27 -2.15
CA GLN A 69 5.12 -13.54 -0.81
C GLN A 69 4.86 -15.04 -0.62
N GLU A 70 5.90 -15.85 -0.86
CA GLU A 70 5.76 -17.30 -0.76
C GLU A 70 5.27 -17.74 0.61
N GLU A 71 5.74 -17.08 1.67
CA GLU A 71 5.33 -17.49 3.03
C GLU A 71 3.84 -17.23 3.26
N LEU A 72 3.31 -16.15 2.70
CA LEU A 72 1.88 -15.87 2.89
C LEU A 72 1.02 -16.88 2.15
N SER A 73 1.36 -17.15 0.89
CA SER A 73 0.58 -18.12 0.12
C SER A 73 0.63 -19.49 0.79
N ALA A 74 1.80 -19.91 1.26
CA ALA A 74 1.86 -21.17 2.01
C ALA A 74 1.03 -21.09 3.28
N LYS A 75 0.97 -19.93 3.94
CA LYS A 75 0.20 -19.80 5.16
C LYS A 75 -1.28 -20.10 4.94
N PHE A 76 -1.79 -19.82 3.74
CA PHE A 76 -3.19 -20.05 3.42
C PHE A 76 -3.37 -21.20 2.45
N GLY A 77 -2.32 -21.98 2.19
CA GLY A 77 -2.44 -23.16 1.35
C GLY A 77 -2.85 -22.84 -0.07
N ILE A 78 -2.32 -21.76 -0.64
CA ILE A 78 -2.63 -21.44 -2.02
C ILE A 78 -1.96 -22.47 -2.92
N ARG A 79 -2.77 -23.24 -3.63
CA ARG A 79 -2.29 -24.15 -4.66
C ARG A 79 -2.77 -23.72 -6.04
N SER A 80 -3.68 -22.76 -6.10
CA SER A 80 -4.15 -22.23 -7.36
C SER A 80 -4.39 -20.73 -7.24
N ILE A 81 -4.16 -20.02 -8.35
CA ILE A 81 -4.43 -18.59 -8.39
C ILE A 81 -5.25 -18.31 -9.66
N PRO A 82 -6.17 -17.33 -9.65
CA PRO A 82 -6.49 -16.44 -8.53
C PRO A 82 -7.13 -17.16 -7.35
N THR A 83 -6.73 -16.77 -6.15
CA THR A 83 -7.42 -17.15 -4.93
C THR A 83 -7.88 -15.87 -4.24
N LEU A 84 -9.16 -15.80 -3.90
CA LEU A 84 -9.74 -14.66 -3.25
C LEU A 84 -10.09 -15.04 -1.83
N LEU A 85 -9.59 -14.26 -0.88
CA LEU A 85 -9.76 -14.55 0.53
C LEU A 85 -10.59 -13.44 1.16
N PHE A 86 -11.68 -13.81 1.82
CA PHE A 86 -12.50 -12.87 2.58
C PHE A 86 -12.21 -13.03 4.07
N THR A 87 -11.85 -11.94 4.74
CA THR A 87 -11.57 -11.96 6.17
C THR A 87 -12.44 -10.94 6.87
N LYS A 88 -12.80 -11.26 8.12
CA LYS A 88 -13.52 -10.34 8.99
C LYS A 88 -12.88 -10.39 10.36
N ASP A 89 -12.42 -9.22 10.84
CA ASP A 89 -11.78 -9.08 12.14
C ASP A 89 -10.62 -10.05 12.32
N GLY A 90 -9.86 -10.26 11.24
CA GLY A 90 -8.67 -11.09 11.26
C GLY A 90 -8.89 -12.57 11.02
N GLU A 91 -10.14 -13.01 10.92
CA GLU A 91 -10.48 -14.43 10.73
C GLU A 91 -10.93 -14.66 9.29
N VAL A 92 -10.44 -15.74 8.69
CA VAL A 92 -10.86 -16.11 7.33
C VAL A 92 -12.31 -16.54 7.36
N VAL A 93 -13.11 -16.01 6.44
CA VAL A 93 -14.52 -16.34 6.32
C VAL A 93 -14.80 -17.21 5.09
N HIS A 94 -14.33 -16.80 3.92
CA HIS A 94 -14.49 -17.58 2.70
C HIS A 94 -13.19 -17.52 1.90
N GLN A 95 -12.92 -18.60 1.18
CA GLN A 95 -11.78 -18.69 0.27
C GLN A 95 -12.29 -19.20 -1.07
N LEU A 96 -12.22 -18.35 -2.09
CA LEU A 96 -12.74 -18.66 -3.41
C LEU A 96 -11.60 -18.73 -4.41
N VAL A 97 -11.80 -19.54 -5.44
CA VAL A 97 -10.80 -19.75 -6.48
C VAL A 97 -11.39 -19.31 -7.82
N GLY A 98 -10.54 -18.80 -8.70
CA GLY A 98 -10.92 -18.51 -10.07
C GLY A 98 -11.34 -17.08 -10.30
N VAL A 99 -11.88 -16.84 -11.49
CA VAL A 99 -12.15 -15.46 -11.96
C VAL A 99 -13.53 -15.08 -11.45
N GLN A 100 -13.59 -14.76 -10.16
CA GLN A 100 -14.87 -14.41 -9.54
C GLN A 100 -15.46 -13.15 -10.16
N THR A 101 -16.79 -13.12 -10.22
CA THR A 101 -17.48 -11.96 -10.76
C THR A 101 -17.50 -10.81 -9.76
N LYS A 102 -17.48 -9.59 -10.30
CA LYS A 102 -17.54 -8.42 -9.44
C LYS A 102 -18.81 -8.40 -8.61
N VAL A 103 -19.95 -8.80 -9.20
CA VAL A 103 -21.22 -8.81 -8.48
C VAL A 103 -21.15 -9.71 -7.26
N ALA A 104 -20.64 -10.93 -7.45
CA ALA A 104 -20.58 -11.87 -6.33
C ALA A 104 -19.65 -11.36 -5.25
N LEU A 105 -18.52 -10.76 -5.65
CA LEU A 105 -17.59 -10.20 -4.66
C LEU A 105 -18.22 -9.05 -3.88
N LYS A 106 -18.94 -8.16 -4.58
CA LYS A 106 -19.62 -7.06 -3.90
C LYS A 106 -20.60 -7.57 -2.86
N GLU A 107 -21.44 -8.54 -3.24
CA GLU A 107 -22.44 -9.06 -2.33
C GLU A 107 -21.80 -9.69 -1.10
N GLN A 108 -20.72 -10.44 -1.28
CA GLN A 108 -20.04 -11.02 -0.13
C GLN A 108 -19.44 -9.93 0.75
N LEU A 109 -18.94 -8.86 0.14
CA LEU A 109 -18.41 -7.75 0.93
C LEU A 109 -19.53 -7.08 1.73
N ASN A 110 -20.65 -6.79 1.06
CA ASN A 110 -21.77 -6.14 1.71
C ASN A 110 -22.32 -6.98 2.86
N LYS A 111 -22.40 -8.30 2.67
CA LYS A 111 -22.87 -9.17 3.73
C LYS A 111 -21.97 -9.07 4.96
N LEU A 112 -20.66 -9.02 4.76
CA LEU A 112 -19.74 -8.87 5.88
C LEU A 112 -19.79 -7.48 6.48
N LEU A 113 -20.25 -6.48 5.73
CA LEU A 113 -20.28 -5.09 6.18
C LEU A 113 -21.59 -4.74 6.88
N HIS B 4 -3.63 37.95 6.85
CA HIS B 4 -3.16 36.62 7.24
C HIS B 4 -3.96 35.51 6.56
N HIS B 5 -3.27 34.64 5.83
CA HIS B 5 -3.86 33.42 5.30
C HIS B 5 -3.56 32.27 6.24
N HIS B 6 -4.56 31.44 6.51
CA HIS B 6 -4.35 30.26 7.33
C HIS B 6 -3.84 29.17 6.39
N HIS B 7 -2.54 29.22 6.10
CA HIS B 7 -1.93 28.31 5.14
C HIS B 7 -2.02 26.86 5.63
N HIS B 8 -1.78 25.94 4.70
CA HIS B 8 -1.64 24.53 5.04
C HIS B 8 -0.29 24.33 5.70
N MET B 9 -0.24 23.42 6.65
CA MET B 9 1.00 23.10 7.34
C MET B 9 1.60 21.82 6.76
N SER B 10 2.93 21.82 6.63
CA SER B 10 3.67 20.69 6.09
C SER B 10 4.58 20.15 7.18
N HIS B 11 4.19 19.02 7.78
CA HIS B 11 5.06 18.37 8.75
C HIS B 11 6.07 17.48 8.06
N TYR B 12 5.81 17.11 6.80
CA TYR B 12 6.66 16.19 6.07
C TYR B 12 7.84 16.95 5.47
N ILE B 13 8.81 16.21 4.95
CA ILE B 13 9.95 16.80 4.27
C ILE B 13 9.80 16.57 2.78
N GLU B 14 9.75 17.65 2.00
CA GLU B 14 9.70 17.51 0.54
C GLU B 14 11.08 17.08 0.04
N LEU B 15 11.12 15.98 -0.70
CA LEU B 15 12.37 15.45 -1.24
C LEU B 15 12.51 15.83 -2.70
N THR B 16 13.76 16.10 -3.10
CA THR B 16 14.11 16.50 -4.46
C THR B 16 15.37 15.75 -4.85
N GLU B 17 15.80 15.91 -6.11
CA GLU B 17 17.06 15.31 -6.52
C GLU B 17 18.22 15.83 -5.68
N GLU B 18 18.20 17.12 -5.33
CA GLU B 18 19.32 17.73 -4.62
C GLU B 18 19.42 17.25 -3.18
N ASN B 19 18.30 17.22 -2.47
CA ASN B 19 18.33 16.96 -1.03
C ASN B 19 18.08 15.51 -0.67
N PHE B 20 17.82 14.65 -1.66
CA PHE B 20 17.37 13.29 -1.35
C PHE B 20 18.41 12.52 -0.54
N GLU B 21 19.62 12.37 -1.11
CA GLU B 21 20.63 11.53 -0.50
C GLU B 21 20.95 11.96 0.93
N SER B 22 21.22 13.26 1.13
CA SER B 22 21.60 13.73 2.45
C SER B 22 20.45 13.64 3.44
N THR B 23 19.20 13.79 2.97
CA THR B 23 18.06 13.75 3.90
C THR B 23 17.88 12.36 4.50
N ILE B 24 18.05 11.31 3.71
CA ILE B 24 17.85 9.95 4.19
C ILE B 24 19.17 9.25 4.51
N LYS B 25 20.28 9.98 4.48
CA LYS B 25 21.58 9.35 4.73
C LYS B 25 21.63 8.74 6.13
N LYS B 26 20.98 9.37 7.11
CA LYS B 26 21.01 8.91 8.49
C LYS B 26 19.59 8.74 9.00
N GLY B 27 19.38 7.72 9.81
CA GLY B 27 18.10 7.52 10.47
C GLY B 27 17.11 6.69 9.67
N VAL B 28 15.88 6.69 10.18
CA VAL B 28 14.77 5.97 9.57
C VAL B 28 13.90 6.95 8.82
N ALA B 29 13.59 6.62 7.57
CA ALA B 29 12.75 7.48 6.76
C ALA B 29 11.63 6.67 6.11
N LEU B 30 10.47 7.30 5.98
CA LEU B 30 9.37 6.83 5.16
C LEU B 30 9.15 7.85 4.06
N VAL B 31 9.17 7.40 2.81
CA VAL B 31 9.06 8.28 1.65
C VAL B 31 7.83 7.88 0.86
N ASP B 32 6.92 8.83 0.69
CA ASP B 32 5.66 8.63 0.00
C ASP B 32 5.78 9.24 -1.39
N PHE B 33 5.81 8.39 -2.42
CA PHE B 33 5.79 8.85 -3.80
C PHE B 33 4.35 9.06 -4.24
N TRP B 34 4.05 10.29 -4.69
CA TRP B 34 2.69 10.70 -4.98
C TRP B 34 2.69 11.62 -6.19
N ALA B 35 1.49 12.02 -6.61
CA ALA B 35 1.29 12.99 -7.68
C ALA B 35 -0.07 13.63 -7.49
N PRO B 36 -0.24 14.89 -7.90
CA PRO B 36 -1.50 15.59 -7.61
C PRO B 36 -2.71 15.04 -8.33
N TRP B 37 -2.50 14.22 -9.37
CA TRP B 37 -3.60 13.65 -10.14
C TRP B 37 -4.01 12.27 -9.65
N CYS B 38 -3.41 11.78 -8.57
CA CYS B 38 -3.55 10.39 -8.15
C CYS B 38 -4.50 10.31 -6.95
N GLY B 39 -5.68 9.72 -7.18
CA GLY B 39 -6.72 9.62 -6.18
C GLY B 39 -6.32 8.88 -4.92
N PRO B 40 -5.81 7.65 -5.05
CA PRO B 40 -5.34 6.94 -3.86
C PRO B 40 -4.23 7.68 -3.13
N CYS B 41 -3.37 8.40 -3.85
CA CYS B 41 -2.34 9.20 -3.18
C CYS B 41 -2.97 10.25 -2.28
N LYS B 42 -4.02 10.91 -2.76
CA LYS B 42 -4.72 11.88 -1.94
C LYS B 42 -5.44 11.20 -0.78
N MET B 43 -5.80 9.93 -0.93
CA MET B 43 -6.37 9.20 0.20
C MET B 43 -5.34 8.91 1.27
N LEU B 44 -4.08 8.71 0.86
CA LEU B 44 -3.00 8.42 1.78
C LEU B 44 -2.39 9.67 2.40
N SER B 45 -2.51 10.82 1.72
CA SER B 45 -1.87 12.06 2.15
C SER B 45 -2.12 12.45 3.60
N PRO B 46 -3.34 12.43 4.12
CA PRO B 46 -3.52 12.87 5.53
C PRO B 46 -2.83 11.93 6.51
N VAL B 47 -2.71 10.65 6.18
CA VAL B 47 -1.98 9.72 7.03
C VAL B 47 -0.51 10.10 7.07
N ILE B 48 0.03 10.56 5.93
CA ILE B 48 1.43 10.97 5.90
C ILE B 48 1.64 12.21 6.75
N ASP B 49 0.68 13.15 6.71
CA ASP B 49 0.74 14.34 7.57
C ASP B 49 0.74 13.93 9.04
N GLU B 50 -0.17 13.03 9.42
CA GLU B 50 -0.28 12.60 10.81
C GLU B 50 0.99 11.89 11.29
N LEU B 51 1.55 11.02 10.45
CA LEU B 51 2.80 10.36 10.80
C LEU B 51 3.94 11.37 10.91
N ALA B 52 4.03 12.31 9.97
CA ALA B 52 5.08 13.31 10.02
C ALA B 52 5.01 14.09 11.33
N SER B 53 3.80 14.44 11.75
CA SER B 53 3.64 15.16 13.01
C SER B 53 3.95 14.24 14.19
N GLU B 54 3.39 13.02 14.19
CA GLU B 54 3.61 12.13 15.34
C GLU B 54 5.07 11.72 15.47
N TYR B 55 5.80 11.57 14.35
CA TYR B 55 7.16 11.09 14.38
C TYR B 55 8.18 12.22 14.25
N GLN B 56 7.75 13.46 14.44
CA GLN B 56 8.68 14.59 14.38
C GLN B 56 9.81 14.38 15.38
N GLY B 57 11.04 14.45 14.88
CA GLY B 57 12.23 14.26 15.69
C GLY B 57 12.68 12.82 15.87
N LYS B 58 11.83 11.84 15.58
CA LYS B 58 12.21 10.43 15.68
C LYS B 58 12.42 9.76 14.33
N ALA B 59 11.68 10.14 13.30
CA ALA B 59 11.88 9.60 11.95
C ALA B 59 11.50 10.66 10.94
N LYS B 60 12.07 10.51 9.74
CA LYS B 60 11.87 11.47 8.66
C LYS B 60 10.74 10.98 7.75
N ILE B 61 9.62 11.68 7.77
CA ILE B 61 8.46 11.36 6.95
C ILE B 61 8.49 12.30 5.74
N CYS B 62 8.66 11.73 4.55
CA CYS B 62 8.98 12.50 3.36
C CYS B 62 8.03 12.20 2.21
N LYS B 63 7.99 13.12 1.26
CA LYS B 63 7.16 13.00 0.07
C LYS B 63 7.98 13.34 -1.16
N VAL B 64 7.78 12.56 -2.23
CA VAL B 64 8.39 12.78 -3.52
C VAL B 64 7.26 12.93 -4.53
N ASN B 65 7.17 14.11 -5.14
CA ASN B 65 6.20 14.36 -6.21
C ASN B 65 6.80 13.81 -7.50
N THR B 66 6.23 12.70 -8.00
CA THR B 66 6.80 12.03 -9.16
C THR B 66 6.70 12.86 -10.44
N ASP B 67 5.77 13.82 -10.49
CA ASP B 67 5.74 14.74 -11.61
C ASP B 67 6.95 15.68 -11.61
N GLU B 68 7.43 16.07 -10.42
CA GLU B 68 8.50 17.03 -10.31
C GLU B 68 9.87 16.39 -10.10
N GLN B 69 9.93 15.12 -9.71
CA GLN B 69 11.18 14.44 -9.42
C GLN B 69 11.25 13.16 -10.25
N GLU B 70 11.13 13.32 -11.58
CA GLU B 70 11.15 12.17 -12.47
C GLU B 70 12.42 11.34 -12.31
N GLU B 71 13.56 12.01 -12.09
CA GLU B 71 14.80 11.27 -11.93
C GLU B 71 14.79 10.44 -10.66
N LEU B 72 14.12 10.91 -9.61
CA LEU B 72 14.08 10.18 -8.35
C LEU B 72 13.23 8.91 -8.44
N SER B 73 12.04 8.98 -9.04
CA SER B 73 11.20 7.79 -9.15
C SER B 73 11.90 6.70 -9.95
N ALA B 74 12.53 7.08 -11.06
CA ALA B 74 13.30 6.12 -11.85
C ALA B 74 14.42 5.48 -11.04
N LYS B 75 15.04 6.25 -10.14
CA LYS B 75 16.11 5.70 -9.32
C LYS B 75 15.63 4.53 -8.48
N PHE B 76 14.37 4.54 -8.08
CA PHE B 76 13.77 3.47 -7.28
C PHE B 76 12.75 2.65 -8.05
N GLY B 77 12.65 2.85 -9.36
CA GLY B 77 11.76 2.05 -10.18
C GLY B 77 10.28 2.18 -9.85
N ILE B 78 9.83 3.39 -9.52
CA ILE B 78 8.42 3.59 -9.25
C ILE B 78 7.65 3.43 -10.57
N ARG B 79 6.78 2.42 -10.62
CA ARG B 79 5.90 2.23 -11.75
C ARG B 79 4.43 2.46 -11.41
N SER B 80 4.10 2.51 -10.13
CA SER B 80 2.74 2.81 -9.69
C SER B 80 2.83 3.63 -8.41
N ILE B 81 1.81 4.47 -8.21
CA ILE B 81 1.73 5.29 -7.00
C ILE B 81 0.35 5.10 -6.40
N PRO B 82 0.19 5.20 -5.07
CA PRO B 82 1.23 5.49 -4.07
C PRO B 82 2.27 4.38 -3.92
N THR B 83 3.54 4.77 -3.79
CA THR B 83 4.59 3.86 -3.39
C THR B 83 5.19 4.40 -2.11
N LEU B 84 5.31 3.54 -1.11
CA LEU B 84 5.87 3.89 0.19
C LEU B 84 7.21 3.20 0.33
N LEU B 85 8.25 3.97 0.59
CA LEU B 85 9.61 3.49 0.67
C LEU B 85 10.11 3.69 2.10
N PHE B 86 10.58 2.61 2.72
CA PHE B 86 11.19 2.66 4.03
C PHE B 86 12.70 2.57 3.88
N THR B 87 13.43 3.52 4.46
CA THR B 87 14.89 3.50 4.42
C THR B 87 15.45 3.60 5.82
N LYS B 88 16.61 2.98 6.03
CA LYS B 88 17.34 3.09 7.27
C LYS B 88 18.81 3.32 6.94
N ASP B 89 19.34 4.46 7.40
CA ASP B 89 20.73 4.83 7.16
C ASP B 89 21.04 4.83 5.66
N GLY B 90 20.10 5.32 4.86
CA GLY B 90 20.30 5.46 3.44
C GLY B 90 20.00 4.23 2.62
N GLU B 91 19.65 3.11 3.25
CA GLU B 91 19.43 1.85 2.56
C GLU B 91 17.93 1.56 2.52
N VAL B 92 17.45 1.13 1.35
CA VAL B 92 16.04 0.75 1.20
C VAL B 92 15.78 -0.51 2.01
N VAL B 93 14.71 -0.50 2.80
CA VAL B 93 14.33 -1.64 3.61
C VAL B 93 13.10 -2.34 3.02
N HIS B 94 12.03 -1.59 2.77
CA HIS B 94 10.83 -2.11 2.13
C HIS B 94 10.31 -1.09 1.15
N GLN B 95 9.65 -1.60 0.11
CA GLN B 95 8.96 -0.76 -0.87
C GLN B 95 7.56 -1.32 -0.99
N LEU B 96 6.58 -0.54 -0.55
CA LEU B 96 5.19 -0.97 -0.54
C LEU B 96 4.40 -0.14 -1.53
N VAL B 97 3.34 -0.75 -2.07
CA VAL B 97 2.50 -0.12 -3.07
C VAL B 97 1.08 -0.02 -2.50
N GLY B 98 0.40 1.06 -2.86
CA GLY B 98 -1.00 1.20 -2.52
C GLY B 98 -1.27 1.97 -1.26
N VAL B 99 -2.53 1.89 -0.84
CA VAL B 99 -3.06 2.74 0.25
C VAL B 99 -2.81 2.00 1.56
N GLN B 100 -1.55 2.00 1.99
CA GLN B 100 -1.21 1.28 3.21
C GLN B 100 -1.92 1.88 4.41
N THR B 101 -2.26 1.03 5.37
CA THR B 101 -2.89 1.48 6.61
C THR B 101 -1.87 2.15 7.52
N LYS B 102 -2.36 3.12 8.30
CA LYS B 102 -1.48 3.82 9.24
C LYS B 102 -0.90 2.85 10.27
N VAL B 103 -1.73 1.93 10.77
CA VAL B 103 -1.26 0.96 11.75
C VAL B 103 -0.06 0.18 11.20
N ALA B 104 -0.17 -0.28 9.95
CA ALA B 104 0.92 -1.04 9.35
C ALA B 104 2.16 -0.18 9.17
N LEU B 105 1.99 1.07 8.74
CA LEU B 105 3.15 1.94 8.58
C LEU B 105 3.80 2.25 9.92
N LYS B 106 3.00 2.51 10.95
CA LYS B 106 3.56 2.77 12.28
C LYS B 106 4.36 1.59 12.77
N GLU B 107 3.83 0.37 12.62
CA GLU B 107 4.56 -0.81 13.08
C GLU B 107 5.88 -0.94 12.34
N GLN B 108 5.90 -0.69 11.03
CA GLN B 108 7.15 -0.81 10.30
C GLN B 108 8.15 0.26 10.75
N LEU B 109 7.65 1.46 11.06
CA LEU B 109 8.54 2.50 11.57
C LEU B 109 9.07 2.13 12.94
N ASN B 110 8.18 1.70 13.84
CA ASN B 110 8.59 1.33 15.18
C ASN B 110 9.60 0.19 15.17
N LYS B 111 9.40 -0.80 14.30
CA LYS B 111 10.35 -1.91 14.22
C LYS B 111 11.73 -1.41 13.79
N LEU B 112 11.77 -0.49 12.82
CA LEU B 112 13.06 0.06 12.38
C LEU B 112 13.71 0.97 13.40
N LEU B 113 12.93 1.54 14.32
CA LEU B 113 13.47 2.49 15.29
C LEU B 113 13.96 1.79 16.54
#